data_7Q7C
#
_entry.id   7Q7C
#
_cell.length_a   84.440
_cell.length_b   84.440
_cell.length_c   116.610
_cell.angle_alpha   90.000
_cell.angle_beta   90.000
_cell.angle_gamma   90.000
#
_symmetry.space_group_name_H-M   'P 41 2 2'
#
loop_
_entity.id
_entity.type
_entity.pdbx_description
1 polymer 'Serine/threonine-protein kinase 17B'
2 non-polymer 'MAGNESIUM ION'
3 non-polymer "ADENOSINE-5'-DIPHOSPHATE"
4 water water
#
_entity_poly.entity_id   1
_entity_poly.type   'polypeptide(L)'
_entity_poly.pdbx_seq_one_letter_code
;MHHHHHHSSGVDLGTENLYFQSMENFNNFYILTSKELGRGKFAVVRQCISKSTGQEYAAKFLKKRRRGQDCRAEILHEIA
VLELAKSCPRVINLHEVYENTSEIILILEYAAGGEIFSLCLPELAEMVSENDVIRLIKQILEGVYYLHQNNIVHLDLKPQ
NILLSSIYPLGDIKIVDFGMSRKIGHACELREIMGTPEYLAPEILNYDPITTATDMWNIGIIAYMLLTHTSPFVGEDNQE
TYLNISQVNVDYSEETFSSVSQLATDFIQSLLVKNPEKRPTAEICLSHSWLQQWDFENLFHPEETSSSSQTQDHSVRSSE
DKTSKSS
;
_entity_poly.pdbx_strand_id   A
#
loop_
_chem_comp.id
_chem_comp.type
_chem_comp.name
_chem_comp.formula
ADP non-polymer ADENOSINE-5'-DIPHOSPHATE 'C10 H15 N5 O10 P2'
MG non-polymer 'MAGNESIUM ION' 'Mg 2'
#
# COMPACT_ATOMS: atom_id res chain seq x y z
N GLU A 16 -6.82 -15.74 -28.91
CA GLU A 16 -5.88 -15.19 -27.93
C GLU A 16 -4.86 -16.24 -27.50
N ASN A 17 -3.58 -15.91 -27.65
CA ASN A 17 -2.50 -16.81 -27.26
C ASN A 17 -1.94 -16.40 -25.89
N LEU A 18 -1.36 -17.36 -25.19
CA LEU A 18 -0.81 -17.15 -23.87
C LEU A 18 0.65 -16.76 -23.96
N TYR A 19 1.03 -15.71 -23.23
CA TYR A 19 2.42 -15.25 -23.22
C TYR A 19 3.23 -15.93 -22.13
N PHE A 20 2.68 -16.00 -20.91
CA PHE A 20 3.43 -16.53 -19.78
C PHE A 20 3.32 -18.05 -19.73
N GLN A 21 3.97 -18.64 -18.73
CA GLN A 21 3.99 -20.09 -18.58
C GLN A 21 2.58 -20.66 -18.55
N SER A 22 2.45 -21.96 -18.81
CA SER A 22 1.14 -22.59 -18.90
C SER A 22 0.62 -22.94 -17.52
N MET A 23 -0.72 -23.02 -17.43
CA MET A 23 -1.35 -23.37 -16.17
C MET A 23 -0.97 -24.78 -15.71
N GLU A 24 -0.63 -25.66 -16.65
CA GLU A 24 -0.22 -27.01 -16.27
C GLU A 24 1.04 -26.98 -15.42
N ASN A 25 1.98 -26.11 -15.76
CA ASN A 25 3.20 -25.98 -14.95
C ASN A 25 2.86 -25.55 -13.53
N PHE A 26 1.91 -24.63 -13.38
CA PHE A 26 1.54 -24.16 -12.05
C PHE A 26 1.05 -25.30 -11.18
N ASN A 27 0.08 -26.08 -11.69
CA ASN A 27 -0.42 -27.23 -10.94
C ASN A 27 0.66 -28.27 -10.67
N ASN A 28 1.77 -28.24 -11.44
CA ASN A 28 2.85 -29.20 -11.26
C ASN A 28 3.82 -28.77 -10.17
N PHE A 29 4.09 -27.47 -10.04
CA PHE A 29 5.04 -26.98 -9.05
C PHE A 29 4.40 -26.51 -7.76
N TYR A 30 3.15 -26.05 -7.80
CA TYR A 30 2.51 -25.46 -6.64
C TYR A 30 1.21 -26.19 -6.31
N ILE A 31 0.86 -26.12 -5.03
CA ILE A 31 -0.42 -26.61 -4.53
C ILE A 31 -1.14 -25.43 -3.90
N LEU A 32 -2.42 -25.31 -4.18
CA LEU A 32 -3.23 -24.27 -3.56
C LEU A 32 -3.69 -24.73 -2.18
N THR A 33 -4.10 -23.77 -1.37
CA THR A 33 -4.70 -24.04 -0.07
C THR A 33 -6.08 -23.41 -0.01
N SER A 34 -6.80 -23.70 1.07
CA SER A 34 -8.11 -23.12 1.30
C SER A 34 -8.03 -21.68 1.80
N LYS A 35 -6.83 -21.15 1.98
CA LYS A 35 -6.64 -19.84 2.60
C LYS A 35 -6.73 -18.76 1.53
N GLU A 36 -7.78 -17.94 1.60
CA GLU A 36 -7.91 -16.77 0.76
C GLU A 36 -7.39 -15.56 1.53
N LEU A 37 -6.34 -14.93 1.01
CA LEU A 37 -5.73 -13.78 1.67
C LEU A 37 -6.43 -12.48 1.33
N GLY A 38 -7.03 -12.39 0.14
CA GLY A 38 -7.76 -11.22 -0.25
C GLY A 38 -8.59 -11.50 -1.49
N ARG A 39 -9.66 -10.74 -1.67
CA ARG A 39 -10.57 -10.95 -2.78
C ARG A 39 -11.14 -9.60 -3.22
N GLY A 40 -10.71 -9.14 -4.39
CA GLY A 40 -11.26 -7.95 -5.00
C GLY A 40 -12.40 -8.29 -5.96
N LYS A 41 -12.65 -7.36 -6.88
CA LYS A 41 -13.72 -7.57 -7.86
C LYS A 41 -13.24 -8.45 -9.00
N PHE A 42 -12.04 -8.18 -9.52
CA PHE A 42 -11.45 -8.93 -10.63
C PHE A 42 -10.09 -9.50 -10.25
N ALA A 43 -9.88 -9.79 -8.97
CA ALA A 43 -8.62 -10.36 -8.52
C ALA A 43 -8.84 -11.10 -7.20
N VAL A 44 -8.18 -12.25 -7.07
CA VAL A 44 -8.20 -13.04 -5.85
C VAL A 44 -6.77 -13.42 -5.50
N VAL A 45 -6.50 -13.48 -4.19
CA VAL A 45 -5.18 -13.85 -3.69
C VAL A 45 -5.35 -15.07 -2.80
N ARG A 46 -4.82 -16.20 -3.24
CA ARG A 46 -4.83 -17.44 -2.48
C ARG A 46 -3.41 -17.80 -2.09
N GLN A 47 -3.29 -18.57 -1.02
CA GLN A 47 -1.99 -19.06 -0.58
C GLN A 47 -1.64 -20.34 -1.32
N CYS A 48 -0.34 -20.50 -1.62
CA CYS A 48 0.13 -21.69 -2.31
C CYS A 48 1.53 -22.03 -1.80
N ILE A 49 1.90 -23.29 -1.96
CA ILE A 49 3.17 -23.81 -1.45
C ILE A 49 3.92 -24.50 -2.58
N SER A 50 5.24 -24.35 -2.59
CA SER A 50 6.08 -24.99 -3.59
C SER A 50 6.27 -26.47 -3.24
N LYS A 51 5.94 -27.34 -4.18
CA LYS A 51 6.12 -28.77 -3.96
C LYS A 51 7.59 -29.16 -3.81
N SER A 52 8.51 -28.33 -4.32
CA SER A 52 9.93 -28.65 -4.22
C SER A 52 10.49 -28.27 -2.86
N THR A 53 10.15 -27.09 -2.35
CA THR A 53 10.77 -26.54 -1.15
C THR A 53 9.82 -26.37 0.02
N GLY A 54 8.52 -26.54 -0.19
CA GLY A 54 7.58 -26.31 0.89
C GLY A 54 7.48 -24.89 1.36
N GLN A 55 7.99 -23.93 0.59
CA GLN A 55 7.93 -22.53 0.96
C GLN A 55 6.57 -21.95 0.60
N GLU A 56 6.08 -21.04 1.44
CA GLU A 56 4.80 -20.41 1.24
C GLU A 56 4.94 -19.20 0.32
N TYR A 57 4.03 -19.08 -0.64
CA TYR A 57 3.98 -17.95 -1.55
C TYR A 57 2.54 -17.45 -1.64
N ALA A 58 2.38 -16.28 -2.25
CA ALA A 58 1.07 -15.68 -2.46
C ALA A 58 0.80 -15.60 -3.96
N ALA A 59 -0.33 -16.15 -4.39
CA ALA A 59 -0.68 -16.21 -5.80
C ALA A 59 -1.86 -15.26 -6.04
N LYS A 60 -1.62 -14.21 -6.83
CA LYS A 60 -2.65 -13.24 -7.20
C LYS A 60 -3.17 -13.62 -8.58
N PHE A 61 -4.42 -14.06 -8.65
CA PHE A 61 -5.09 -14.34 -9.91
C PHE A 61 -5.79 -13.06 -10.36
N LEU A 62 -5.41 -12.57 -11.55
CA LEU A 62 -6.00 -11.37 -12.12
C LEU A 62 -6.74 -11.74 -13.39
N LYS A 63 -7.98 -11.28 -13.50
CA LYS A 63 -8.79 -11.55 -14.69
C LYS A 63 -8.35 -10.62 -15.83
N LYS A 64 -8.27 -11.19 -17.04
CA LYS A 64 -7.83 -10.44 -18.21
C LYS A 64 -8.94 -9.60 -18.82
N ARG A 65 -10.21 -9.89 -18.53
CA ARG A 65 -11.34 -9.15 -19.06
CA ARG A 65 -11.34 -9.15 -19.06
C ARG A 65 -12.12 -8.55 -17.89
N ARG A 66 -12.12 -7.22 -17.81
CA ARG A 66 -12.83 -6.49 -16.77
C ARG A 66 -13.86 -5.59 -17.44
N ARG A 67 -15.14 -5.80 -17.13
CA ARG A 67 -16.22 -4.99 -17.67
C ARG A 67 -16.22 -5.02 -19.19
N GLY A 68 -15.89 -6.18 -19.76
CA GLY A 68 -15.90 -6.37 -21.19
C GLY A 68 -14.68 -5.85 -21.91
N GLN A 69 -13.66 -5.40 -21.19
CA GLN A 69 -12.44 -4.85 -21.78
C GLN A 69 -11.29 -5.81 -21.55
N ASP A 70 -10.54 -6.11 -22.60
CA ASP A 70 -9.31 -6.89 -22.48
C ASP A 70 -8.29 -6.06 -21.73
N CYS A 71 -8.10 -6.34 -20.44
CA CYS A 71 -7.19 -5.58 -19.59
C CYS A 71 -5.83 -6.25 -19.44
N ARG A 72 -5.45 -7.12 -20.37
CA ARG A 72 -4.16 -7.78 -20.30
C ARG A 72 -3.02 -6.76 -20.30
N ALA A 73 -3.18 -5.63 -21.00
CA ALA A 73 -2.13 -4.63 -21.05
C ALA A 73 -1.85 -4.04 -19.68
N GLU A 74 -2.90 -3.72 -18.92
CA GLU A 74 -2.70 -3.13 -17.60
C GLU A 74 -1.96 -4.09 -16.67
N ILE A 75 -2.23 -5.39 -16.81
CA ILE A 75 -1.54 -6.37 -15.97
C ILE A 75 -0.05 -6.40 -16.31
N LEU A 76 0.28 -6.34 -17.60
CA LEU A 76 1.67 -6.22 -18.00
C LEU A 76 2.31 -4.98 -17.41
N HIS A 77 1.54 -3.88 -17.33
CA HIS A 77 2.05 -2.67 -16.71
C HIS A 77 2.35 -2.88 -15.24
N GLU A 78 1.48 -3.62 -14.53
CA GLU A 78 1.72 -3.90 -13.12
C GLU A 78 2.90 -4.85 -12.94
N ILE A 79 3.12 -5.76 -13.88
CA ILE A 79 4.28 -6.65 -13.81
C ILE A 79 5.56 -5.86 -14.06
N ALA A 80 5.54 -4.95 -15.03
CA ALA A 80 6.72 -4.14 -15.32
C ALA A 80 7.14 -3.33 -14.10
N VAL A 81 6.18 -2.84 -13.33
CA VAL A 81 6.51 -2.04 -12.15
C VAL A 81 7.10 -2.93 -11.06
N LEU A 82 6.42 -4.03 -10.73
CA LEU A 82 6.96 -4.98 -9.76
C LEU A 82 8.38 -5.37 -10.12
N GLU A 83 8.63 -5.67 -11.39
CA GLU A 83 9.96 -6.07 -11.82
C GLU A 83 10.96 -4.95 -11.62
N LEU A 84 10.54 -3.70 -11.80
CA LEU A 84 11.46 -2.58 -11.67
C LEU A 84 11.95 -2.44 -10.23
N ALA A 85 11.06 -2.66 -9.25
CA ALA A 85 11.38 -2.46 -7.85
C ALA A 85 11.68 -3.78 -7.14
N LYS A 86 12.29 -4.74 -7.84
CA LYS A 86 12.63 -6.00 -7.19
C LYS A 86 13.79 -5.83 -6.22
N SER A 87 14.77 -5.01 -6.59
CA SER A 87 15.91 -4.79 -5.71
C SER A 87 15.49 -4.16 -4.40
N CYS A 88 14.39 -3.41 -4.40
CA CYS A 88 13.92 -2.74 -3.20
C CYS A 88 13.28 -3.75 -2.25
N PRO A 89 13.73 -3.86 -1.00
CA PRO A 89 13.10 -4.81 -0.07
C PRO A 89 11.80 -4.33 0.53
N ARG A 90 11.54 -3.02 0.49
CA ARG A 90 10.26 -2.49 0.95
C ARG A 90 9.13 -2.78 -0.03
N VAL A 91 9.43 -3.38 -1.18
CA VAL A 91 8.44 -3.74 -2.17
C VAL A 91 8.37 -5.25 -2.25
N ILE A 92 7.16 -5.76 -2.50
CA ILE A 92 6.95 -7.21 -2.56
C ILE A 92 7.69 -7.78 -3.76
N ASN A 93 8.19 -9.00 -3.59
CA ASN A 93 9.00 -9.64 -4.62
C ASN A 93 8.13 -10.50 -5.53
N LEU A 94 8.35 -10.37 -6.84
CA LEU A 94 7.68 -11.18 -7.85
C LEU A 94 8.63 -12.30 -8.26
N HIS A 95 8.19 -13.54 -8.10
CA HIS A 95 9.02 -14.71 -8.40
C HIS A 95 8.71 -15.33 -9.75
N GLU A 96 7.42 -15.58 -10.05
CA GLU A 96 7.04 -16.22 -11.29
C GLU A 96 5.71 -15.66 -11.77
N VAL A 97 5.39 -15.91 -13.04
CA VAL A 97 4.12 -15.52 -13.62
C VAL A 97 3.61 -16.68 -14.46
N TYR A 98 2.33 -17.01 -14.28
CA TYR A 98 1.64 -18.02 -15.08
C TYR A 98 0.40 -17.40 -15.67
N GLU A 99 -0.18 -18.08 -16.67
CA GLU A 99 -1.33 -17.55 -17.38
C GLU A 99 -2.22 -18.69 -17.85
N ASN A 100 -3.52 -18.46 -17.83
CA ASN A 100 -4.48 -19.40 -18.39
C ASN A 100 -5.42 -18.61 -19.30
N THR A 101 -6.59 -19.18 -19.59
CA THR A 101 -7.48 -18.57 -20.57
C THR A 101 -8.00 -17.22 -20.10
N SER A 102 -8.31 -17.10 -18.81
CA SER A 102 -8.94 -15.89 -18.28
C SER A 102 -8.10 -15.20 -17.21
N GLU A 103 -6.98 -15.78 -16.80
CA GLU A 103 -6.27 -15.29 -15.62
C GLU A 103 -4.78 -15.20 -15.89
N ILE A 104 -4.17 -14.16 -15.33
CA ILE A 104 -2.72 -14.07 -15.19
C ILE A 104 -2.42 -14.21 -13.70
N ILE A 105 -1.45 -15.06 -13.37
CA ILE A 105 -1.15 -15.44 -12.00
C ILE A 105 0.22 -14.90 -11.63
N LEU A 106 0.29 -14.19 -10.51
CA LEU A 106 1.54 -13.63 -10.01
C LEU A 106 1.92 -14.35 -8.72
N ILE A 107 3.08 -14.99 -8.72
CA ILE A 107 3.60 -15.65 -7.53
C ILE A 107 4.44 -14.63 -6.75
N LEU A 108 3.93 -14.21 -5.60
CA LEU A 108 4.54 -13.13 -4.83
C LEU A 108 5.15 -13.65 -3.54
N GLU A 109 6.17 -12.95 -3.06
CA GLU A 109 6.70 -13.19 -1.73
C GLU A 109 5.58 -13.11 -0.71
N TYR A 110 5.55 -14.08 0.20
CA TYR A 110 4.49 -14.14 1.20
C TYR A 110 4.76 -13.18 2.34
N ALA A 111 3.72 -12.46 2.75
CA ALA A 111 3.79 -11.51 3.86
C ALA A 111 2.97 -12.08 5.01
N ALA A 112 3.65 -12.72 5.97
CA ALA A 112 2.96 -13.44 7.04
C ALA A 112 2.29 -12.50 8.03
N GLY A 113 2.76 -11.26 8.16
CA GLY A 113 2.18 -10.35 9.12
C GLY A 113 0.79 -9.88 8.75
N GLY A 114 0.50 -9.81 7.46
CA GLY A 114 -0.78 -9.32 7.01
C GLY A 114 -0.80 -7.82 6.81
N GLU A 115 -2.00 -7.30 6.61
CA GLU A 115 -2.17 -5.87 6.37
C GLU A 115 -1.74 -5.05 7.58
N ILE A 116 -1.12 -3.91 7.32
CA ILE A 116 -0.82 -2.96 8.39
C ILE A 116 -2.11 -2.37 8.94
N PHE A 117 -3.21 -2.49 8.20
CA PHE A 117 -4.52 -2.05 8.68
C PHE A 117 -4.86 -2.63 10.04
N SER A 118 -4.28 -3.77 10.39
CA SER A 118 -4.59 -4.41 11.67
C SER A 118 -4.19 -3.54 12.84
N LEU A 119 -3.02 -2.89 12.75
CA LEU A 119 -2.52 -2.10 13.85
C LEU A 119 -3.30 -0.79 14.04
N CYS A 120 -4.05 -0.37 13.03
CA CYS A 120 -4.83 0.86 13.12
C CYS A 120 -6.11 0.68 13.94
N LEU A 121 -6.37 -0.51 14.44
CA LEU A 121 -7.58 -0.77 15.22
C LEU A 121 -7.28 -0.66 16.70
N PRO A 122 -8.21 -0.12 17.51
CA PRO A 122 -7.96 -0.06 18.96
C PRO A 122 -7.71 -1.42 19.59
N GLU A 123 -8.07 -2.51 18.90
CA GLU A 123 -7.92 -3.84 19.47
C GLU A 123 -6.46 -4.25 19.65
N LEU A 124 -5.53 -3.56 18.98
CA LEU A 124 -4.11 -3.87 19.09
C LEU A 124 -3.27 -2.67 19.53
N ALA A 125 -3.91 -1.56 19.90
CA ALA A 125 -3.15 -0.37 20.30
C ALA A 125 -2.25 -0.64 21.49
N GLU A 126 -2.49 -1.71 22.24
CA GLU A 126 -1.74 -1.99 23.45
C GLU A 126 -0.37 -2.60 23.20
N MET A 127 -0.07 -3.03 21.97
CA MET A 127 1.20 -3.65 21.67
C MET A 127 2.07 -2.84 20.71
N VAL A 128 1.55 -1.77 20.12
CA VAL A 128 2.31 -0.91 19.22
C VAL A 128 2.63 0.37 19.96
N SER A 129 3.91 0.63 20.16
CA SER A 129 4.38 1.85 20.80
C SER A 129 4.76 2.88 19.74
N GLU A 130 4.93 4.13 20.19
CA GLU A 130 5.36 5.17 19.27
C GLU A 130 6.69 4.82 18.62
N ASN A 131 7.57 4.12 19.34
CA ASN A 131 8.86 3.74 18.78
C ASN A 131 8.68 2.75 17.63
N ASP A 132 7.61 1.96 17.64
CA ASP A 132 7.36 1.01 16.56
C ASP A 132 6.80 1.70 15.32
N VAL A 133 5.95 2.70 15.51
CA VAL A 133 5.43 3.45 14.37
C VAL A 133 6.55 4.20 13.66
N ILE A 134 7.47 4.77 14.43
CA ILE A 134 8.61 5.47 13.84
C ILE A 134 9.38 4.52 12.91
N ARG A 135 9.56 3.27 13.33
CA ARG A 135 10.29 2.33 12.50
C ARG A 135 9.51 1.95 11.26
N LEU A 136 8.20 1.74 11.38
CA LEU A 136 7.39 1.37 10.23
C LEU A 136 7.25 2.54 9.26
N ILE A 137 7.07 3.75 9.79
CA ILE A 137 6.95 4.92 8.92
C ILE A 137 8.26 5.15 8.18
N LYS A 138 9.39 5.00 8.87
CA LYS A 138 10.68 5.13 8.20
C LYS A 138 10.81 4.11 7.07
N GLN A 139 10.33 2.88 7.28
CA GLN A 139 10.42 1.86 6.26
C GLN A 139 9.50 2.17 5.08
N ILE A 140 8.27 2.60 5.35
CA ILE A 140 7.34 2.93 4.27
C ILE A 140 7.91 4.05 3.40
N LEU A 141 8.68 4.96 3.99
CA LEU A 141 9.23 6.06 3.22
C LEU A 141 10.36 5.58 2.30
N GLU A 142 11.23 4.71 2.80
CA GLU A 142 12.33 4.21 1.98
C GLU A 142 11.81 3.52 0.72
N GLY A 143 10.66 2.85 0.81
CA GLY A 143 10.07 2.27 -0.38
C GLY A 143 9.51 3.33 -1.32
N VAL A 144 8.77 4.29 -0.75
CA VAL A 144 8.20 5.37 -1.57
C VAL A 144 9.31 6.19 -2.20
N TYR A 145 10.40 6.43 -1.45
CA TYR A 145 11.54 7.14 -2.01
C TYR A 145 12.07 6.44 -3.25
N TYR A 146 12.31 5.13 -3.14
CA TYR A 146 12.76 4.36 -4.29
C TYR A 146 11.78 4.50 -5.45
N LEU A 147 10.49 4.32 -5.18
CA LEU A 147 9.49 4.44 -6.25
C LEU A 147 9.52 5.84 -6.86
N HIS A 148 9.70 6.87 -6.03
CA HIS A 148 9.72 8.24 -6.54
C HIS A 148 11.01 8.52 -7.30
N GLN A 149 12.12 7.91 -6.88
CA GLN A 149 13.36 8.07 -7.65
C GLN A 149 13.16 7.66 -9.10
N ASN A 150 12.33 6.65 -9.35
CA ASN A 150 12.09 6.12 -10.69
C ASN A 150 10.81 6.63 -11.30
N ASN A 151 10.33 7.79 -10.87
CA ASN A 151 9.15 8.44 -11.45
C ASN A 151 7.91 7.54 -11.36
N ILE A 152 7.81 6.73 -10.32
CA ILE A 152 6.65 5.89 -10.09
C ILE A 152 5.83 6.48 -8.95
N VAL A 153 4.51 6.47 -9.12
CA VAL A 153 3.56 6.93 -8.11
C VAL A 153 2.57 5.80 -7.88
N HIS A 154 2.29 5.51 -6.60
CA HIS A 154 1.47 4.35 -6.25
C HIS A 154 -0.01 4.67 -6.32
N LEU A 155 -0.43 5.77 -5.68
CA LEU A 155 -1.80 6.28 -5.71
C LEU A 155 -2.78 5.50 -4.84
N ASP A 156 -2.42 4.29 -4.42
CA ASP A 156 -3.29 3.47 -3.59
C ASP A 156 -2.62 3.09 -2.28
N LEU A 157 -1.87 4.04 -1.70
CA LEU A 157 -1.16 3.80 -0.44
C LEU A 157 -2.16 3.85 0.72
N LYS A 158 -2.97 2.81 0.80
CA LYS A 158 -3.91 2.64 1.89
C LYS A 158 -3.44 1.47 2.76
N PRO A 159 -3.79 1.46 4.05
CA PRO A 159 -3.27 0.41 4.94
C PRO A 159 -3.54 -1.00 4.44
N GLN A 160 -4.58 -1.17 3.61
CA GLN A 160 -4.89 -2.49 3.08
C GLN A 160 -3.83 -2.96 2.08
N ASN A 161 -3.10 -2.04 1.44
CA ASN A 161 -2.09 -2.39 0.44
C ASN A 161 -0.68 -2.25 0.99
N ILE A 162 -0.51 -2.22 2.30
CA ILE A 162 0.81 -2.23 2.94
C ILE A 162 0.81 -3.36 3.95
N LEU A 163 1.70 -4.34 3.77
CA LEU A 163 1.70 -5.56 4.56
C LEU A 163 2.95 -5.63 5.44
N LEU A 164 2.93 -6.60 6.34
CA LEU A 164 4.03 -6.84 7.28
C LEU A 164 4.61 -8.23 7.02
N SER A 165 5.93 -8.35 7.12
CA SER A 165 6.57 -9.64 6.99
C SER A 165 6.28 -10.56 8.17
N SER A 166 5.88 -10.01 9.30
CA SER A 166 5.51 -10.80 10.48
C SER A 166 4.79 -9.85 11.43
N ILE A 167 4.43 -10.38 12.61
CA ILE A 167 3.70 -9.59 13.59
C ILE A 167 4.22 -9.88 15.00
N TYR A 168 4.70 -11.11 15.23
CA TYR A 168 5.29 -11.50 16.51
C TYR A 168 6.69 -12.02 16.26
N PRO A 169 7.72 -11.16 16.31
CA PRO A 169 7.68 -9.71 16.55
C PRO A 169 7.27 -8.93 15.31
N LEU A 170 7.04 -7.62 15.46
CA LEU A 170 6.71 -6.79 14.31
C LEU A 170 7.81 -6.90 13.26
N GLY A 171 7.41 -7.22 12.03
CA GLY A 171 8.37 -7.44 10.96
C GLY A 171 8.67 -6.18 10.17
N ASP A 172 8.85 -6.34 8.86
CA ASP A 172 9.20 -5.25 7.98
C ASP A 172 8.06 -4.95 7.02
N ILE A 173 8.19 -3.84 6.31
CA ILE A 173 7.15 -3.35 5.42
C ILE A 173 7.29 -4.01 4.05
N LYS A 174 6.15 -4.26 3.41
CA LYS A 174 6.11 -4.80 2.06
C LYS A 174 4.92 -4.18 1.36
N ILE A 175 5.18 -3.35 0.35
CA ILE A 175 4.14 -2.66 -0.41
C ILE A 175 3.65 -3.56 -1.53
N VAL A 176 2.37 -3.45 -1.86
CA VAL A 176 1.72 -4.29 -2.86
C VAL A 176 0.65 -3.47 -3.57
N ASP A 177 0.04 -4.08 -4.60
CA ASP A 177 -1.06 -3.48 -5.35
C ASP A 177 -0.57 -2.30 -6.18
N PHE A 178 0.01 -2.59 -7.35
CA PHE A 178 0.47 -1.58 -8.28
C PHE A 178 -0.47 -1.40 -9.47
N GLY A 179 -1.74 -1.76 -9.31
CA GLY A 179 -2.71 -1.62 -10.37
C GLY A 179 -2.99 -0.19 -10.80
N MET A 180 -2.56 0.79 -9.99
CA MET A 180 -2.79 2.20 -10.29
C MET A 180 -1.49 2.98 -10.43
N SER A 181 -0.37 2.29 -10.66
CA SER A 181 0.93 2.97 -10.74
C SER A 181 1.11 3.54 -12.14
N ARG A 182 1.32 4.86 -12.21
CA ARG A 182 1.62 5.56 -13.45
C ARG A 182 2.94 6.32 -13.29
N LYS A 183 3.27 7.11 -14.30
CA LYS A 183 4.39 8.05 -14.21
C LYS A 183 3.87 9.45 -13.90
N ILE A 184 4.80 10.34 -13.55
CA ILE A 184 4.43 11.66 -13.08
C ILE A 184 3.62 12.40 -14.15
N GLY A 185 2.76 13.31 -13.69
CA GLY A 185 2.00 14.15 -14.59
C GLY A 185 0.97 13.43 -15.43
N HIS A 186 0.37 12.35 -14.90
CA HIS A 186 -0.61 11.57 -15.63
C HIS A 186 -1.99 12.19 -15.43
N ALA A 187 -3.04 11.48 -15.85
CA ALA A 187 -4.41 11.96 -15.68
C ALA A 187 -4.81 11.98 -14.21
N THR A 196 -10.94 3.73 -1.97
CA THR A 196 -11.94 4.16 -1.01
C THR A 196 -11.91 5.69 -0.87
N PRO A 197 -13.08 6.31 -0.70
CA PRO A 197 -13.10 7.79 -0.57
C PRO A 197 -12.19 8.33 0.53
N GLU A 198 -12.19 7.70 1.72
CA GLU A 198 -11.51 8.29 2.86
C GLU A 198 -10.01 8.38 2.67
N TYR A 199 -9.44 7.67 1.70
CA TYR A 199 -8.00 7.70 1.45
C TYR A 199 -7.65 8.54 0.21
N LEU A 200 -8.58 9.35 -0.28
CA LEU A 200 -8.34 10.16 -1.47
C LEU A 200 -7.77 11.51 -1.07
N ALA A 201 -6.82 12.00 -1.88
CA ALA A 201 -6.19 13.28 -1.64
C ALA A 201 -7.08 14.42 -2.11
N PRO A 202 -6.87 15.64 -1.60
CA PRO A 202 -7.71 16.76 -2.02
C PRO A 202 -7.48 17.19 -3.45
N GLU A 203 -6.27 17.01 -3.99
CA GLU A 203 -6.05 17.37 -5.39
C GLU A 203 -6.68 16.36 -6.34
N ILE A 204 -7.14 15.21 -5.85
CA ILE A 204 -7.91 14.31 -6.69
C ILE A 204 -9.32 14.85 -6.89
N LEU A 205 -9.87 15.51 -5.87
CA LEU A 205 -11.21 16.07 -5.99
C LEU A 205 -11.24 17.32 -6.86
N ASN A 206 -10.10 18.02 -6.98
CA ASN A 206 -10.00 19.16 -7.87
C ASN A 206 -9.66 18.77 -9.30
N TYR A 207 -9.37 17.49 -9.55
CA TYR A 207 -8.92 16.97 -10.83
C TYR A 207 -7.54 17.48 -11.21
N ASP A 208 -6.86 18.18 -10.30
CA ASP A 208 -5.50 18.66 -10.58
C ASP A 208 -4.62 17.47 -10.99
N PRO A 209 -3.60 17.70 -11.81
CA PRO A 209 -2.79 16.55 -12.27
C PRO A 209 -2.16 15.81 -11.11
N ILE A 210 -1.88 14.53 -11.34
CA ILE A 210 -1.25 13.71 -10.31
C ILE A 210 0.15 14.25 -10.01
N THR A 211 0.62 13.95 -8.81
CA THR A 211 1.96 14.36 -8.40
C THR A 211 2.45 13.43 -7.31
N THR A 212 3.78 13.33 -7.19
CA THR A 212 4.38 12.53 -6.14
C THR A 212 3.86 12.92 -4.75
N ALA A 213 3.53 14.21 -4.57
CA ALA A 213 3.00 14.66 -3.29
C ALA A 213 1.67 14.00 -2.95
N THR A 214 1.00 13.39 -3.93
CA THR A 214 -0.25 12.71 -3.65
C THR A 214 -0.02 11.48 -2.77
N ASP A 215 1.08 10.76 -3.00
CA ASP A 215 1.43 9.64 -2.13
C ASP A 215 1.76 10.11 -0.72
N MET A 216 2.29 11.33 -0.59
CA MET A 216 2.66 11.83 0.72
C MET A 216 1.43 12.14 1.56
N TRP A 217 0.33 12.55 0.93
CA TRP A 217 -0.92 12.73 1.67
C TRP A 217 -1.37 11.43 2.31
N ASN A 218 -1.24 10.31 1.59
CA ASN A 218 -1.65 9.01 2.12
C ASN A 218 -0.75 8.56 3.25
N ILE A 219 0.52 8.97 3.24
CA ILE A 219 1.41 8.61 4.34
C ILE A 219 1.03 9.34 5.61
N GLY A 220 0.53 10.58 5.49
CA GLY A 220 0.01 11.28 6.64
C GLY A 220 -1.16 10.56 7.29
N ILE A 221 -2.00 9.91 6.46
CA ILE A 221 -3.14 9.18 7.00
C ILE A 221 -2.68 7.89 7.67
N ILE A 222 -1.71 7.19 7.07
CA ILE A 222 -1.16 5.99 7.69
C ILE A 222 -0.62 6.30 9.07
N ALA A 223 0.18 7.36 9.18
CA ALA A 223 0.72 7.75 10.48
C ALA A 223 -0.38 8.21 11.43
N TYR A 224 -1.36 8.96 10.92
CA TYR A 224 -2.48 9.38 11.75
C TYR A 224 -3.28 8.18 12.22
N MET A 225 -3.49 7.19 11.34
CA MET A 225 -4.30 6.04 11.70
C MET A 225 -3.56 5.13 12.69
N LEU A 226 -2.24 5.04 12.60
CA LEU A 226 -1.50 4.16 13.50
C LEU A 226 -1.42 4.75 14.91
N LEU A 227 -1.20 6.07 15.02
CA LEU A 227 -1.00 6.68 16.32
C LEU A 227 -2.31 6.91 17.06
N THR A 228 -3.37 7.27 16.34
CA THR A 228 -4.67 7.52 16.96
C THR A 228 -5.63 6.34 16.85
N HIS A 229 -5.43 5.46 15.88
CA HIS A 229 -6.31 4.30 15.67
C HIS A 229 -7.70 4.71 15.20
N THR A 230 -7.77 5.79 14.44
CA THR A 230 -9.03 6.24 13.85
C THR A 230 -8.73 6.91 12.51
N SER A 231 -9.68 6.82 11.59
CA SER A 231 -9.51 7.48 10.30
C SER A 231 -9.70 8.98 10.46
N PRO A 232 -8.87 9.80 9.80
CA PRO A 232 -8.96 11.25 10.02
C PRO A 232 -10.03 11.96 9.21
N PHE A 233 -10.61 11.34 8.18
CA PHE A 233 -11.53 12.03 7.30
C PHE A 233 -12.88 11.37 7.12
N VAL A 234 -13.04 10.09 7.49
CA VAL A 234 -14.31 9.42 7.29
C VAL A 234 -15.38 10.06 8.16
N GLY A 235 -16.53 10.34 7.56
CA GLY A 235 -17.66 10.90 8.28
C GLY A 235 -18.84 9.94 8.34
N GLU A 236 -19.98 10.50 8.76
CA GLU A 236 -21.18 9.68 8.86
C GLU A 236 -21.54 9.06 7.52
N ASP A 237 -21.56 9.87 6.46
CA ASP A 237 -21.77 9.40 5.10
C ASP A 237 -20.68 9.97 4.20
N ASN A 238 -20.70 9.57 2.93
CA ASN A 238 -19.64 10.00 2.01
C ASN A 238 -19.62 11.51 1.84
N GLN A 239 -20.79 12.16 1.90
CA GLN A 239 -20.84 13.61 1.73
C GLN A 239 -19.94 14.31 2.75
N GLU A 240 -20.08 13.94 4.02
CA GLU A 240 -19.23 14.51 5.07
C GLU A 240 -17.77 14.10 4.89
N THR A 241 -17.53 12.90 4.34
CA THR A 241 -16.16 12.46 4.09
C THR A 241 -15.47 13.37 3.08
N TYR A 242 -16.08 13.55 1.91
CA TYR A 242 -15.49 14.40 0.89
C TYR A 242 -15.29 15.83 1.40
N LEU A 243 -16.26 16.34 2.16
CA LEU A 243 -16.13 17.70 2.69
C LEU A 243 -14.91 17.83 3.58
N ASN A 244 -14.74 16.89 4.52
CA ASN A 244 -13.60 16.96 5.43
C ASN A 244 -12.28 16.94 4.67
N ILE A 245 -12.21 16.16 3.59
CA ILE A 245 -10.98 16.08 2.80
C ILE A 245 -10.70 17.42 2.12
N SER A 246 -11.68 17.92 1.36
CA SER A 246 -11.50 19.18 0.66
C SER A 246 -11.28 20.35 1.61
N GLN A 247 -11.71 20.24 2.87
CA GLN A 247 -11.48 21.28 3.85
C GLN A 247 -10.30 21.00 4.77
N VAL A 248 -9.68 19.82 4.65
CA VAL A 248 -8.58 19.42 5.53
C VAL A 248 -9.02 19.59 6.98
N ASN A 249 -10.21 19.08 7.30
CA ASN A 249 -10.76 19.16 8.65
C ASN A 249 -10.36 17.90 9.40
N VAL A 250 -9.29 18.00 10.20
CA VAL A 250 -8.75 16.86 10.93
C VAL A 250 -8.92 17.11 12.43
N ASP A 251 -9.11 16.02 13.17
CA ASP A 251 -9.26 16.08 14.63
C ASP A 251 -7.87 16.07 15.26
N TYR A 252 -7.39 17.25 15.64
CA TYR A 252 -6.12 17.40 16.33
C TYR A 252 -6.30 17.75 17.81
N SER A 253 -7.47 17.46 18.38
CA SER A 253 -7.76 17.86 19.74
C SER A 253 -6.80 17.20 20.73
N GLU A 254 -6.87 17.67 21.98
CA GLU A 254 -6.04 17.08 23.02
C GLU A 254 -6.55 15.70 23.43
N GLU A 255 -7.86 15.47 23.35
CA GLU A 255 -8.40 14.16 23.71
C GLU A 255 -7.84 13.06 22.84
N THR A 256 -7.54 13.36 21.57
CA THR A 256 -7.04 12.36 20.64
C THR A 256 -5.52 12.25 20.67
N PHE A 257 -4.81 13.34 20.99
CA PHE A 257 -3.36 13.35 20.99
C PHE A 257 -2.78 13.48 22.39
N SER A 258 -3.58 13.25 23.43
CA SER A 258 -3.07 13.37 24.79
C SER A 258 -1.87 12.47 25.02
N SER A 259 -1.79 11.36 24.30
CA SER A 259 -0.70 10.39 24.45
C SER A 259 0.07 10.21 23.15
N VAL A 260 0.22 11.29 22.38
CA VAL A 260 0.99 11.30 21.15
C VAL A 260 1.97 12.45 21.22
N SER A 261 3.23 12.21 20.86
CA SER A 261 4.25 13.23 20.96
C SER A 261 3.94 14.39 20.04
N GLN A 262 4.52 15.56 20.37
CA GLN A 262 4.35 16.73 19.52
C GLN A 262 5.11 16.58 18.21
N LEU A 263 6.28 15.94 18.25
CA LEU A 263 7.03 15.69 17.02
C LEU A 263 6.17 14.94 16.02
N ALA A 264 5.48 13.89 16.47
CA ALA A 264 4.58 13.16 15.59
C ALA A 264 3.52 14.07 15.00
N THR A 265 2.98 14.98 15.82
CA THR A 265 1.97 15.91 15.31
C THR A 265 2.55 16.80 14.23
N ASP A 266 3.71 17.41 14.49
CA ASP A 266 4.38 18.22 13.48
C ASP A 266 4.59 17.41 12.19
N PHE A 267 4.92 16.12 12.34
CA PHE A 267 5.15 15.29 11.17
C PHE A 267 3.88 15.14 10.34
N ILE A 268 2.74 14.92 11.00
CA ILE A 268 1.50 14.68 10.27
C ILE A 268 0.97 15.96 9.66
N GLN A 269 0.91 17.04 10.45
CA GLN A 269 0.35 18.29 9.96
C GLN A 269 1.13 18.82 8.76
N SER A 270 2.45 18.59 8.74
CA SER A 270 3.25 19.00 7.59
C SER A 270 2.87 18.25 6.32
N LEU A 271 2.14 17.14 6.44
CA LEU A 271 1.75 16.34 5.29
C LEU A 271 0.28 16.50 4.91
N LEU A 272 -0.59 16.73 5.89
CA LEU A 272 -2.03 16.85 5.62
C LEU A 272 -2.36 18.33 5.37
N VAL A 273 -1.95 18.80 4.19
CA VAL A 273 -2.24 20.15 3.74
C VAL A 273 -2.79 20.07 2.32
N LYS A 274 -3.67 21.02 1.98
CA LYS A 274 -4.40 20.92 0.72
C LYS A 274 -3.49 21.13 -0.48
N ASN A 275 -2.53 22.05 -0.38
CA ASN A 275 -1.64 22.37 -1.48
C ASN A 275 -0.58 21.29 -1.64
N PRO A 276 -0.58 20.53 -2.74
CA PRO A 276 0.44 19.48 -2.89
C PRO A 276 1.86 20.01 -2.90
N GLU A 277 2.09 21.21 -3.45
CA GLU A 277 3.44 21.75 -3.55
C GLU A 277 4.02 22.09 -2.18
N LYS A 278 3.19 22.20 -1.15
CA LYS A 278 3.70 22.48 0.19
C LYS A 278 4.12 21.22 0.93
N ARG A 279 3.58 20.06 0.56
CA ARG A 279 3.94 18.82 1.24
C ARG A 279 5.41 18.49 0.97
N PRO A 280 6.16 18.09 1.99
CA PRO A 280 7.56 17.69 1.76
C PRO A 280 7.64 16.43 0.92
N THR A 281 8.81 16.23 0.34
CA THR A 281 9.07 15.03 -0.45
C THR A 281 9.45 13.87 0.46
N ALA A 282 9.51 12.68 -0.12
CA ALA A 282 9.94 11.51 0.64
C ALA A 282 11.34 11.70 1.20
N GLU A 283 12.20 12.43 0.48
CA GLU A 283 13.56 12.65 0.95
C GLU A 283 13.58 13.54 2.19
N ILE A 284 12.79 14.61 2.18
CA ILE A 284 12.75 15.51 3.33
C ILE A 284 12.14 14.80 4.54
N CYS A 285 11.13 13.96 4.32
CA CYS A 285 10.45 13.30 5.43
C CYS A 285 11.40 12.44 6.23
N LEU A 286 12.35 11.77 5.57
CA LEU A 286 13.34 10.98 6.26
C LEU A 286 14.24 11.83 7.15
N SER A 287 14.23 13.15 6.99
CA SER A 287 15.03 14.06 7.80
C SER A 287 14.24 14.71 8.92
N HIS A 288 12.98 14.32 9.12
CA HIS A 288 12.19 14.91 10.18
C HIS A 288 12.72 14.50 11.55
N SER A 289 12.79 15.46 12.46
CA SER A 289 13.36 15.21 13.78
C SER A 289 12.65 14.06 14.50
N TRP A 290 11.44 13.70 14.08
CA TRP A 290 10.69 12.65 14.75
C TRP A 290 11.26 11.27 14.46
N LEU A 291 11.92 11.10 13.32
CA LEU A 291 12.44 9.80 12.90
C LEU A 291 13.91 9.60 13.23
N GLN A 292 14.51 10.50 14.02
CA GLN A 292 15.93 10.42 14.36
C GLN A 292 16.05 9.95 15.79
N GLN A 293 16.45 8.69 15.98
CA GLN A 293 16.66 8.16 17.32
C GLN A 293 17.24 6.77 17.22
N TRP A 294 18.23 6.47 18.06
CA TRP A 294 18.87 5.17 18.04
C TRP A 294 17.85 4.12 18.46
N ASP A 295 17.58 3.16 17.59
CA ASP A 295 16.57 2.13 17.83
C ASP A 295 17.22 0.78 18.08
MG MG B . -6.43 -3.80 -2.15
PB ADP C . -6.55 -5.75 -5.16
O1B ADP C . -7.82 -6.52 -4.70
O2B ADP C . -6.66 -5.43 -6.61
O3B ADP C . -6.45 -4.45 -4.34
PA ADP C . -4.15 -6.58 -3.74
O1A ADP C . -4.24 -5.26 -3.06
O2A ADP C . -2.72 -6.77 -4.35
O3A ADP C . -5.25 -6.64 -4.90
O5' ADP C . -4.46 -7.79 -2.66
C5' ADP C . -5.62 -7.68 -1.86
C4' ADP C . -5.32 -8.20 -0.48
O4' ADP C . -4.60 -9.46 -0.54
C3' ADP C . -4.36 -7.26 0.25
O3' ADP C . -5.08 -6.23 0.92
C2' ADP C . -3.70 -8.21 1.25
O2' ADP C . -4.52 -8.33 2.41
C1' ADP C . -3.64 -9.55 0.49
N9 ADP C . -2.42 -9.74 -0.03
C8 ADP C . -1.99 -9.26 -1.24
N7 ADP C . -0.71 -9.66 -1.45
C5 ADP C . -0.32 -10.39 -0.38
C6 ADP C . 0.88 -11.03 -0.05
N6 ADP C . 1.92 -11.00 -0.90
N1 ADP C . 0.97 -11.71 1.11
C2 ADP C . -0.11 -11.72 1.92
N3 ADP C . -1.26 -11.12 1.67
C4 ADP C . -1.40 -10.44 0.51
H5'1 ADP C . -5.88 -6.75 -1.81
H5'2 ADP C . -6.34 -8.20 -2.26
H4' ADP C . -6.15 -8.30 0.01
H3' ADP C . -3.71 -6.85 -0.33
HO3' ADP C . -4.74 -5.48 0.74
H2' ADP C . -2.80 -7.92 1.49
HO2' ADP C . -5.20 -8.80 2.22
H1' ADP C . -3.86 -10.27 1.10
H8 ADP C . -2.50 -8.75 -1.82
HN61 ADP C . 2.64 -11.41 -0.69
HN62 ADP C . 1.86 -10.57 -1.63
H2 ADP C . -0.04 -12.18 2.73
#